data_3COQ
#
_entry.id   3COQ
#
_cell.length_a   126.495
_cell.length_b   40.829
_cell.length_c   90.418
_cell.angle_alpha   90.000
_cell.angle_beta   95.880
_cell.angle_gamma   90.000
#
_symmetry.space_group_name_H-M   'C 1 2 1'
#
loop_
_entity.id
_entity.type
_entity.pdbx_description
1 polymer "DNA (5'-D(*DAP*DCP*DCP*DGP*DGP*DAP*DGP*DGP*DAP*DCP*DAP*DGP*DTP*DCP*DCP*DTP*DCP*DCP*DGP*DG)-3')"
2 polymer "DNA (5'-D(*DTP*DCP*DCP*DGP*DGP*DAP*DGP*DGP*DAP*DCP*DTP*DGP*DTP*DCP*DCP*DTP*DCP*DCP*DGP*DG)-3')"
3 polymer 'Regulatory protein GAL4'
4 non-polymer (4S)-2-METHYL-2,4-PENTANEDIOL
5 non-polymer 'ZINC ION'
6 water water
#
loop_
_entity_poly.entity_id
_entity_poly.type
_entity_poly.pdbx_seq_one_letter_code
_entity_poly.pdbx_strand_id
1 'polydeoxyribonucleotide' (DA)(DC)(DC)(DG)(DG)(DA)(DG)(DG)(DA)(DC)(DA)(DG)(DT)(DC)(DC)(DT)(DC)(DC)(DG)(DG) D
2 'polydeoxyribonucleotide' (DT)(DC)(DC)(DG)(DG)(DA)(DG)(DG)(DA)(DC)(DT)(DG)(DT)(DC)(DC)(DT)(DC)(DC)(DG)(DG) E
3 'polypeptide(L)'
;EQACDICRLKKLKCSKEKPKCAKCLKNNWECRYSPKTKRSPLTRAHLTEVESRLERLEQLFLLIFPREDLDMILKMDSLQ
DIKALLTGL
;
A,B
#
# COMPACT_ATOMS: atom_id res chain seq x y z
N GLU C 1 -14.43 -10.52 24.93
CA GLU C 1 -14.33 -10.14 23.50
C GLU C 1 -12.94 -10.48 22.93
N GLN C 2 -11.88 -9.88 23.47
CA GLN C 2 -10.55 -10.39 23.20
C GLN C 2 -10.47 -11.77 23.81
N ALA C 3 -9.94 -12.70 23.04
CA ALA C 3 -9.69 -14.06 23.47
C ALA C 3 -8.24 -14.11 23.93
N CYS C 4 -7.83 -15.18 24.59
CA CYS C 4 -6.51 -15.24 25.23
C CYS C 4 -5.48 -15.79 24.25
N ASP C 5 -4.22 -15.34 24.39
CA ASP C 5 -3.11 -15.69 23.49
C ASP C 5 -3.24 -17.14 22.98
N ILE C 6 -3.38 -18.01 23.96
CA ILE C 6 -3.46 -19.44 23.78
C ILE C 6 -4.77 -19.86 23.14
N CYS C 7 -5.92 -19.61 23.78
CA CYS C 7 -7.17 -19.94 23.09
C CYS C 7 -7.05 -19.40 21.65
N ARG C 8 -6.38 -18.26 21.49
CA ARG C 8 -6.15 -17.60 20.18
C ARG C 8 -5.34 -18.59 19.27
N LEU C 9 -4.19 -19.09 19.74
CA LEU C 9 -3.43 -19.99 18.92
C LEU C 9 -4.07 -21.36 18.78
N LYS C 10 -4.78 -21.79 19.81
CA LYS C 10 -5.39 -23.08 19.70
C LYS C 10 -6.74 -23.01 19.05
N LYS C 11 -7.26 -21.80 18.95
CA LYS C 11 -8.53 -21.62 18.31
C LYS C 11 -9.76 -22.25 19.00
N LEU C 12 -9.81 -22.28 20.33
CA LEU C 12 -11.00 -22.82 21.02
C LEU C 12 -11.67 -21.65 21.59
N LYS C 13 -12.87 -21.86 22.13
CA LYS C 13 -13.69 -20.77 22.63
C LYS C 13 -12.98 -20.28 23.84
N CYS C 14 -12.86 -18.98 24.07
CA CYS C 14 -12.24 -18.52 25.29
C CYS C 14 -13.30 -18.15 26.34
N SER C 15 -13.09 -18.53 27.62
CA SER C 15 -14.04 -18.11 28.67
C SER C 15 -13.86 -16.60 28.89
N LYS C 16 -12.62 -16.14 28.72
CA LYS C 16 -12.18 -14.71 28.76
C LYS C 16 -11.97 -14.08 30.17
N GLU C 17 -12.29 -14.85 31.22
CA GLU C 17 -12.17 -14.37 32.61
C GLU C 17 -10.74 -13.90 32.88
N LYS C 18 -10.60 -12.84 33.68
CA LYS C 18 -9.29 -12.29 34.00
C LYS C 18 -9.03 -12.54 35.50
N PRO C 19 -7.75 -12.79 35.91
CA PRO C 19 -6.48 -12.78 35.16
C PRO C 19 -6.16 -14.07 34.39
N LYS C 20 -6.43 -15.23 35.01
CA LYS C 20 -6.32 -16.54 34.33
C LYS C 20 -7.74 -17.02 33.86
N CYS C 21 -7.86 -17.56 32.63
CA CYS C 21 -9.15 -18.06 32.07
C CYS C 21 -9.33 -19.60 32.11
N ALA C 22 -10.58 -20.07 31.92
CA ALA C 22 -10.93 -21.51 31.74
C ALA C 22 -9.74 -22.48 31.70
N LYS C 23 -9.40 -22.95 30.49
CA LYS C 23 -8.21 -23.77 30.20
C LYS C 23 -6.95 -23.32 30.93
N CYS C 24 -6.58 -22.04 30.74
CA CYS C 24 -5.29 -21.52 31.26
C CYS C 24 -5.23 -21.71 32.82
N LEU C 25 -6.38 -21.69 33.49
CA LEU C 25 -6.37 -22.03 34.90
C LEU C 25 -6.22 -23.53 35.04
N LYS C 26 -7.07 -24.26 34.30
CA LYS C 26 -7.08 -25.73 34.31
C LYS C 26 -5.67 -26.25 34.09
N ASN C 27 -5.24 -26.28 32.83
CA ASN C 27 -3.95 -26.86 32.46
C ASN C 27 -2.79 -26.10 33.05
N ASN C 28 -3.12 -25.28 34.06
CA ASN C 28 -2.19 -24.46 34.79
C ASN C 28 -1.29 -23.82 33.77
N TRP C 29 -1.87 -22.91 32.99
CA TRP C 29 -1.24 -22.33 31.83
C TRP C 29 -0.95 -20.82 31.92
N GLU C 30 0.08 -20.40 31.20
CA GLU C 30 0.59 -19.03 31.15
C GLU C 30 -0.37 -18.10 30.32
N CYS C 31 -1.49 -17.68 30.95
CA CYS C 31 -2.65 -17.01 30.27
C CYS C 31 -2.45 -15.54 29.99
N ARG C 32 -2.14 -15.19 28.73
CA ARG C 32 -2.03 -13.76 28.39
C ARG C 32 -3.07 -13.22 27.41
N TYR C 33 -3.52 -12.00 27.71
CA TYR C 33 -4.30 -11.16 26.81
C TYR C 33 -3.36 -10.12 26.17
N SER C 34 -2.57 -10.54 25.21
CA SER C 34 -1.59 -9.65 24.61
C SER C 34 -2.23 -8.46 23.86
N PRO C 35 -1.59 -7.27 23.97
CA PRO C 35 -2.19 -6.05 23.39
C PRO C 35 -2.32 -6.05 21.87
N LYS C 36 -3.35 -5.34 21.46
CA LYS C 36 -3.87 -5.22 20.09
C LYS C 36 -2.85 -4.71 19.07
N THR C 37 -2.38 -5.63 18.23
CA THR C 37 -1.17 -5.47 17.42
C THR C 37 -1.30 -4.55 16.07
N LYS C 38 -0.64 -3.38 16.04
CA LYS C 38 -0.89 -2.46 14.92
C LYS C 38 -0.33 -2.68 13.52
N ARG C 39 -1.20 -2.25 12.61
CA ARG C 39 -1.09 -2.49 11.22
C ARG C 39 -1.11 -1.08 10.64
N SER C 40 -0.79 -0.92 9.39
CA SER C 40 -0.87 0.45 9.00
C SER C 40 -2.30 0.57 8.54
N PRO C 41 -2.73 1.75 8.50
CA PRO C 41 -4.19 1.98 8.20
C PRO C 41 -4.55 1.45 6.82
N LEU C 42 -5.60 0.69 6.69
CA LEU C 42 -6.01 0.42 5.42
C LEU C 42 -6.92 1.59 4.95
N THR C 43 -6.42 2.70 4.44
CA THR C 43 -7.38 3.56 3.84
C THR C 43 -7.00 3.82 2.37
N ARG C 44 -7.81 4.46 1.57
CA ARG C 44 -7.40 4.66 0.20
C ARG C 44 -6.26 5.58 0.19
N ALA C 45 -6.23 6.52 1.16
CA ALA C 45 -5.27 7.68 1.07
C ALA C 45 -3.93 7.16 1.42
N HIS C 46 -3.92 6.14 2.25
CA HIS C 46 -2.68 5.65 2.63
C HIS C 46 -2.16 4.67 1.67
N LEU C 47 -3.00 3.73 1.12
CA LEU C 47 -2.56 2.97 -0.05
C LEU C 47 -1.92 3.88 -1.07
N THR C 48 -2.52 5.04 -1.34
CA THR C 48 -2.06 5.88 -2.43
C THR C 48 -0.77 6.56 -2.03
N GLU C 49 -0.58 7.00 -0.79
CA GLU C 49 0.68 7.61 -0.39
C GLU C 49 1.73 6.53 -0.62
N VAL C 50 1.50 5.31 -0.19
CA VAL C 50 2.53 4.36 -0.32
C VAL C 50 2.70 4.06 -1.83
N GLU C 51 1.65 3.86 -2.59
CA GLU C 51 1.92 3.72 -4.01
C GLU C 51 2.67 4.95 -4.64
N SER C 52 2.53 6.18 -4.14
CA SER C 52 3.33 7.14 -4.80
C SER C 52 4.76 7.01 -4.38
N ARG C 53 5.08 6.50 -3.19
CA ARG C 53 6.46 6.45 -2.93
C ARG C 53 7.07 5.33 -3.79
N LEU C 54 6.41 4.20 -3.85
CA LEU C 54 6.93 3.09 -4.49
C LEU C 54 7.19 3.45 -5.93
N GLU C 55 6.27 4.17 -6.60
CA GLU C 55 6.51 4.56 -7.98
C GLU C 55 7.76 5.37 -8.11
N ARG C 56 8.02 6.24 -7.18
CA ARG C 56 9.14 7.08 -7.45
C ARG C 56 10.38 6.24 -7.30
N LEU C 57 10.46 5.40 -6.27
CA LEU C 57 11.66 4.55 -6.21
C LEU C 57 11.64 3.63 -7.38
N GLU C 58 10.50 3.15 -7.85
CA GLU C 58 10.59 2.23 -8.90
C GLU C 58 11.29 2.86 -10.16
N GLN C 59 10.99 4.14 -10.35
CA GLN C 59 11.50 4.94 -11.46
C GLN C 59 13.01 5.17 -11.29
N LEU C 60 13.40 5.54 -10.08
CA LEU C 60 14.82 5.75 -9.76
C LEU C 60 15.55 4.47 -10.01
N PHE C 61 15.00 3.32 -9.66
CA PHE C 61 15.71 2.11 -10.00
C PHE C 61 15.62 1.72 -11.42
N LEU C 62 14.71 2.23 -12.28
CA LEU C 62 14.86 1.84 -13.66
C LEU C 62 16.13 2.41 -14.17
N LEU C 63 16.53 3.59 -13.76
CA LEU C 63 17.78 4.13 -14.21
C LEU C 63 18.98 3.47 -13.53
N ILE C 64 18.87 3.00 -12.30
CA ILE C 64 20.14 2.43 -11.71
C ILE C 64 20.31 1.10 -12.39
N PHE C 65 19.24 0.29 -12.42
CA PHE C 65 19.39 -0.95 -13.06
C PHE C 65 18.59 -1.00 -14.37
N PRO C 66 19.14 -0.45 -15.46
CA PRO C 66 18.34 -0.60 -16.68
C PRO C 66 18.20 -2.09 -17.11
N ARG C 67 19.20 -2.90 -16.71
CA ARG C 67 19.29 -4.35 -17.00
C ARG C 67 19.03 -5.20 -15.74
N GLU C 68 17.75 -5.60 -15.70
CA GLU C 68 17.21 -6.84 -15.15
C GLU C 68 17.69 -7.44 -13.85
N ASP C 69 16.97 -8.53 -13.62
CA ASP C 69 16.41 -9.01 -12.38
C ASP C 69 16.73 -8.27 -11.11
N LEU C 70 16.40 -7.00 -11.11
CA LEU C 70 16.29 -6.22 -9.92
C LEU C 70 15.60 -7.07 -8.84
N ASP C 71 14.70 -7.94 -9.31
CA ASP C 71 14.02 -8.84 -8.42
C ASP C 71 14.98 -9.90 -7.85
N MET C 72 16.09 -10.12 -8.52
CA MET C 72 17.00 -11.14 -8.04
C MET C 72 17.56 -10.48 -6.83
N ILE C 73 18.09 -9.27 -7.05
CA ILE C 73 18.65 -8.46 -5.98
C ILE C 73 17.68 -8.23 -4.86
N LEU C 74 16.44 -7.93 -5.17
CA LEU C 74 15.51 -7.58 -4.11
C LEU C 74 15.25 -8.72 -3.15
N LYS C 75 15.57 -9.93 -3.57
CA LYS C 75 15.36 -11.10 -2.71
C LYS C 75 16.54 -11.48 -1.78
N MET C 76 17.70 -10.92 -2.04
CA MET C 76 18.81 -11.23 -1.24
C MET C 76 18.68 -10.51 0.10
N ASP C 77 19.43 -11.08 1.06
CA ASP C 77 19.26 -10.84 2.49
C ASP C 77 20.62 -10.51 2.99
N SER C 78 21.67 -10.88 2.29
CA SER C 78 22.92 -10.52 2.84
C SER C 78 23.47 -9.13 2.40
N LEU C 79 23.87 -8.32 3.35
CA LEU C 79 24.42 -7.03 3.10
C LEU C 79 25.79 -7.08 2.41
N GLN C 80 26.82 -7.71 2.99
CA GLN C 80 28.04 -7.90 2.21
C GLN C 80 27.59 -8.31 0.79
N ASP C 81 26.79 -9.39 0.67
CA ASP C 81 26.62 -9.99 -0.65
C ASP C 81 26.06 -8.96 -1.60
N ILE C 82 25.00 -8.28 -1.16
CA ILE C 82 24.39 -7.35 -2.01
C ILE C 82 25.41 -6.27 -2.39
N LYS C 83 26.36 -5.98 -1.51
CA LYS C 83 27.21 -4.87 -1.80
C LYS C 83 28.35 -5.38 -2.69
N ALA C 84 28.55 -6.70 -2.73
CA ALA C 84 29.69 -7.25 -3.49
C ALA C 84 29.20 -7.13 -4.91
N LEU C 85 27.93 -7.46 -5.04
CA LEU C 85 27.23 -7.47 -6.27
C LEU C 85 27.25 -6.12 -6.88
N LEU C 86 26.82 -5.14 -6.13
CA LEU C 86 26.61 -3.87 -6.73
C LEU C 86 27.92 -3.31 -7.18
N THR C 87 29.00 -3.67 -6.53
CA THR C 87 30.25 -3.07 -6.95
C THR C 87 30.66 -3.51 -8.33
N GLY C 88 29.91 -4.46 -8.90
CA GLY C 88 29.71 -4.60 -10.38
C GLY C 88 28.66 -3.60 -10.90
N LEU C 89 28.98 -2.32 -10.68
CA LEU C 89 28.30 -1.13 -11.26
C LEU C 89 29.04 -0.66 -12.54
N GLU D 1 -28.28 2.81 -10.12
CA GLU D 1 -27.44 3.61 -9.21
C GLU D 1 -26.59 4.74 -9.84
N GLN D 2 -25.93 4.47 -10.99
CA GLN D 2 -24.92 5.40 -11.54
C GLN D 2 -25.53 6.68 -12.06
N ALA D 3 -24.99 7.80 -11.62
CA ALA D 3 -25.41 9.09 -12.07
C ALA D 3 -24.61 9.43 -13.32
N CYS D 4 -25.22 10.28 -14.14
CA CYS D 4 -24.64 10.71 -15.38
C CYS D 4 -23.49 11.62 -15.08
N ASP D 5 -22.54 11.71 -16.03
CA ASP D 5 -21.30 12.47 -15.82
C ASP D 5 -21.45 13.91 -15.31
N ILE D 6 -22.47 14.56 -15.84
CA ILE D 6 -22.72 15.95 -15.62
C ILE D 6 -23.38 16.13 -14.23
N CYS D 7 -24.47 15.41 -13.98
CA CYS D 7 -25.02 15.41 -12.63
C CYS D 7 -23.91 15.10 -11.59
N ARG D 8 -22.98 14.17 -11.90
CA ARG D 8 -21.93 13.84 -10.93
C ARG D 8 -21.15 15.11 -10.75
N LEU D 9 -20.81 15.76 -11.85
CA LEU D 9 -19.87 16.84 -11.75
C LEU D 9 -20.56 17.97 -11.04
N LYS D 10 -21.87 18.06 -11.21
CA LYS D 10 -22.56 19.16 -10.61
C LYS D 10 -23.12 18.87 -9.21
N LYS D 11 -23.29 17.59 -8.91
CA LYS D 11 -23.78 17.16 -7.59
C LYS D 11 -25.30 17.39 -7.30
N LEU D 12 -26.08 17.28 -8.36
CA LEU D 12 -27.53 17.34 -8.25
C LEU D 12 -28.09 15.94 -8.57
N LYS D 13 -29.24 15.62 -7.98
CA LYS D 13 -29.99 14.38 -8.26
C LYS D 13 -30.07 14.13 -9.78
N CYS D 14 -29.75 12.91 -10.17
CA CYS D 14 -29.90 12.49 -11.55
C CYS D 14 -31.20 11.62 -11.73
N SER D 15 -31.96 11.83 -12.81
CA SER D 15 -33.15 10.98 -13.04
C SER D 15 -32.73 9.57 -13.43
N LYS D 16 -31.62 9.49 -14.17
CA LYS D 16 -30.86 8.24 -14.44
C LYS D 16 -31.47 7.35 -15.51
N GLU D 17 -32.53 7.83 -16.16
CA GLU D 17 -33.32 7.07 -17.15
C GLU D 17 -32.53 6.69 -18.43
N LYS D 18 -33.21 6.12 -19.43
CA LYS D 18 -32.49 5.68 -20.66
C LYS D 18 -33.12 6.07 -22.02
N PRO D 19 -32.35 6.77 -22.88
CA PRO D 19 -30.90 6.98 -22.84
C PRO D 19 -30.49 8.11 -21.89
N LYS D 20 -30.82 9.35 -22.24
CA LYS D 20 -30.55 10.54 -21.43
C LYS D 20 -31.32 10.58 -20.10
N CYS D 21 -31.44 11.78 -19.54
CA CYS D 21 -32.07 12.03 -18.26
C CYS D 21 -32.50 13.51 -18.15
N ALA D 22 -33.41 13.81 -17.21
CA ALA D 22 -34.09 15.11 -17.11
C ALA D 22 -33.24 16.37 -17.43
N LYS D 23 -32.18 16.64 -16.68
CA LYS D 23 -31.45 17.90 -16.90
C LYS D 23 -30.48 17.93 -18.13
N CYS D 24 -29.89 16.80 -18.50
CA CYS D 24 -29.12 16.76 -19.75
C CYS D 24 -30.15 16.94 -20.92
N LEU D 25 -31.29 16.23 -20.85
CA LEU D 25 -32.36 16.31 -21.85
C LEU D 25 -32.96 17.72 -22.00
N LYS D 26 -33.61 18.16 -20.92
CA LYS D 26 -34.08 19.52 -20.73
C LYS D 26 -32.99 20.48 -21.13
N ASN D 27 -32.04 20.70 -20.23
CA ASN D 27 -31.09 21.80 -20.34
C ASN D 27 -30.34 21.84 -21.65
N ASN D 28 -30.50 20.77 -22.42
CA ASN D 28 -29.82 20.57 -23.69
C ASN D 28 -28.31 20.31 -23.58
N TRP D 29 -27.99 19.08 -23.15
CA TRP D 29 -26.63 18.54 -22.99
C TRP D 29 -26.49 17.04 -23.37
N GLU D 30 -25.29 16.60 -23.77
CA GLU D 30 -25.06 15.19 -24.16
C GLU D 30 -24.74 14.35 -22.90
N CYS D 31 -25.76 13.64 -22.42
CA CYS D 31 -25.73 12.89 -21.17
C CYS D 31 -24.94 11.62 -21.34
N ARG D 32 -23.93 11.42 -20.50
CA ARG D 32 -23.18 10.15 -20.50
C ARG D 32 -23.04 9.43 -19.16
N TYR D 33 -23.05 8.10 -19.27
CA TYR D 33 -22.61 7.21 -18.19
C TYR D 33 -21.20 6.58 -18.51
N SER D 34 -20.16 7.30 -18.08
CA SER D 34 -18.76 6.80 -18.02
C SER D 34 -18.58 5.51 -17.21
N PRO D 35 -17.71 4.57 -17.67
CA PRO D 35 -17.22 3.41 -16.88
C PRO D 35 -16.67 3.82 -15.56
N LYS D 36 -16.87 2.99 -14.53
CA LYS D 36 -16.22 3.19 -13.22
C LYS D 36 -14.71 3.23 -13.47
N THR D 37 -14.03 4.05 -12.68
CA THR D 37 -12.59 4.17 -12.79
C THR D 37 -11.87 2.95 -12.11
N LYS D 38 -10.97 2.29 -12.85
CA LYS D 38 -10.13 1.21 -12.26
C LYS D 38 -9.17 1.78 -11.22
N ARG D 39 -9.23 1.22 -10.01
CA ARG D 39 -8.33 1.68 -8.96
C ARG D 39 -7.63 0.46 -8.41
N SER D 40 -6.63 0.61 -7.58
CA SER D 40 -5.99 -0.64 -7.09
C SER D 40 -6.84 -1.21 -5.97
N PRO D 41 -6.84 -2.50 -5.78
CA PRO D 41 -7.66 -3.06 -4.68
C PRO D 41 -7.18 -2.59 -3.34
N LEU D 42 -8.08 -2.19 -2.45
CA LEU D 42 -7.72 -1.78 -1.18
C LEU D 42 -7.96 -3.01 -0.32
N THR D 43 -7.06 -3.98 -0.41
CA THR D 43 -7.06 -5.08 0.49
C THR D 43 -5.78 -5.03 1.35
N ARG D 44 -5.69 -5.90 2.28
CA ARG D 44 -4.66 -5.80 3.14
C ARG D 44 -3.51 -6.47 2.46
N ALA D 45 -3.80 -7.54 1.69
CA ALA D 45 -2.69 -8.32 0.96
C ALA D 45 -2.10 -7.28 0.02
N HIS D 46 -2.94 -6.47 -0.60
CA HIS D 46 -2.29 -5.59 -1.52
C HIS D 46 -1.59 -4.44 -0.91
N LEU D 47 -2.11 -3.77 0.11
CA LEU D 47 -1.29 -2.82 0.80
C LEU D 47 0.03 -3.41 1.28
N THR D 48 0.03 -4.61 1.82
CA THR D 48 1.28 -5.25 2.19
C THR D 48 2.22 -5.57 1.03
N GLU D 49 1.73 -6.04 -0.12
CA GLU D 49 2.64 -6.14 -1.32
C GLU D 49 3.38 -4.85 -1.49
N VAL D 50 2.64 -3.76 -1.56
CA VAL D 50 3.20 -2.53 -1.85
C VAL D 50 4.00 -1.97 -0.66
N GLU D 51 3.65 -2.09 0.62
CA GLU D 51 4.51 -1.52 1.60
C GLU D 51 5.77 -2.36 1.63
N SER D 52 5.71 -3.65 1.37
CA SER D 52 6.89 -4.34 1.66
C SER D 52 7.90 -4.27 0.50
N ARG D 53 7.44 -3.91 -0.70
CA ARG D 53 8.39 -3.72 -1.82
C ARG D 53 8.90 -2.33 -1.66
N LEU D 54 8.08 -1.41 -1.27
CA LEU D 54 8.69 -0.12 -1.09
C LEU D 54 9.72 -0.29 -0.05
N GLU D 55 9.52 -1.07 0.97
CA GLU D 55 10.58 -1.09 2.01
C GLU D 55 11.85 -1.69 1.46
N ARG D 56 11.74 -2.73 0.68
CA ARG D 56 12.96 -3.35 0.25
C ARG D 56 13.70 -2.49 -0.79
N LEU D 57 12.98 -1.59 -1.48
CA LEU D 57 13.71 -0.73 -2.45
C LEU D 57 14.33 0.29 -1.62
N GLU D 58 13.65 0.73 -0.57
CA GLU D 58 14.42 1.64 0.34
C GLU D 58 15.62 0.98 0.94
N GLN D 59 15.61 -0.30 1.22
CA GLN D 59 16.76 -0.88 1.94
C GLN D 59 17.94 -0.93 0.95
N LEU D 60 17.65 -1.29 -0.30
CA LEU D 60 18.68 -1.40 -1.28
C LEU D 60 19.21 0.00 -1.58
N PHE D 61 18.30 0.99 -1.61
CA PHE D 61 18.70 2.36 -1.99
C PHE D 61 19.81 2.87 -1.02
N LEU D 62 19.69 2.53 0.25
CA LEU D 62 20.56 2.91 1.26
C LEU D 62 21.92 2.22 1.23
N LEU D 63 22.11 1.18 0.43
CA LEU D 63 23.45 0.64 0.26
C LEU D 63 24.12 1.42 -0.82
N ILE D 64 23.35 2.18 -1.55
CA ILE D 64 23.98 2.89 -2.60
C ILE D 64 24.12 4.30 -2.28
N PHE D 65 23.17 4.92 -1.61
CA PHE D 65 23.32 6.37 -1.41
C PHE D 65 22.85 6.81 -0.10
N PRO D 66 23.10 8.06 0.23
CA PRO D 66 22.88 8.44 1.57
C PRO D 66 21.43 8.53 1.93
N ARG D 67 21.16 8.46 3.21
CA ARG D 67 19.74 8.49 3.58
C ARG D 67 19.10 9.82 3.18
N GLU D 68 19.79 10.93 3.45
CA GLU D 68 19.28 12.21 3.00
C GLU D 68 18.76 12.14 1.57
N ASP D 69 19.36 11.36 0.68
CA ASP D 69 18.79 11.30 -0.66
C ASP D 69 17.51 10.50 -0.66
N LEU D 70 17.41 9.43 0.12
CA LEU D 70 16.17 8.69 0.14
C LEU D 70 14.97 9.63 0.26
N ASP D 71 15.10 10.58 1.15
CA ASP D 71 13.99 11.41 1.56
C ASP D 71 13.66 12.38 0.46
N MET D 72 14.65 12.78 -0.35
CA MET D 72 14.34 13.66 -1.40
C MET D 72 13.50 12.89 -2.48
N ILE D 73 13.91 11.69 -2.85
CA ILE D 73 13.27 11.05 -3.95
C ILE D 73 11.93 10.71 -3.56
N LEU D 74 11.79 10.23 -2.34
CA LEU D 74 10.52 9.71 -1.90
C LEU D 74 9.52 10.87 -2.09
N LYS D 75 9.99 12.11 -2.08
CA LYS D 75 9.06 13.12 -2.50
C LYS D 75 9.02 13.65 -3.93
N MET D 76 9.71 13.13 -4.92
CA MET D 76 9.80 13.98 -6.10
C MET D 76 8.69 13.56 -6.97
N ASP D 77 8.02 14.55 -7.58
CA ASP D 77 7.06 14.24 -8.65
C ASP D 77 7.59 14.39 -10.07
N SER D 78 8.78 14.94 -10.29
CA SER D 78 9.16 15.27 -11.65
C SER D 78 10.11 14.20 -12.16
N LEU D 79 9.88 13.68 -13.36
CA LEU D 79 10.83 12.72 -13.86
C LEU D 79 12.25 13.32 -14.13
N GLN D 80 12.41 14.60 -14.59
CA GLN D 80 13.76 15.24 -14.69
C GLN D 80 14.42 15.22 -13.25
N ASP D 81 13.66 15.54 -12.23
CA ASP D 81 14.32 15.60 -10.99
C ASP D 81 14.75 14.20 -10.57
N ILE D 82 13.96 13.15 -10.83
CA ILE D 82 14.43 11.86 -10.38
C ILE D 82 15.70 11.54 -11.18
N LYS D 83 15.84 12.04 -12.38
CA LYS D 83 17.00 11.58 -13.11
C LYS D 83 18.26 12.34 -12.79
N ALA D 84 18.10 13.62 -12.54
CA ALA D 84 19.20 14.54 -12.19
C ALA D 84 19.82 14.11 -10.84
N LEU D 85 18.94 13.68 -9.97
CA LEU D 85 19.34 13.19 -8.68
C LEU D 85 20.40 12.14 -8.85
N LEU D 86 20.24 11.37 -9.89
CA LEU D 86 20.99 10.19 -10.07
C LEU D 86 22.25 10.60 -10.74
N THR D 87 22.19 11.64 -11.55
CA THR D 87 23.30 12.22 -12.28
C THR D 87 24.34 12.92 -11.43
N GLY D 88 23.93 13.65 -10.39
CA GLY D 88 24.84 14.09 -9.35
C GLY D 88 25.40 12.87 -8.62
N LEU D 89 25.05 11.66 -9.08
CA LEU D 89 25.67 10.38 -8.64
C LEU D 89 25.79 10.26 -7.14
#